data_6YOH
#
_entry.id   6YOH
#
_cell.length_a   48.222
_cell.length_b   76.066
_cell.length_c   107.148
_cell.angle_alpha   90.000
_cell.angle_beta   90.000
_cell.angle_gamma   90.000
#
_symmetry.space_group_name_H-M   'P 21 2 21'
#
loop_
_entity.id
_entity.type
_entity.pdbx_description
1 polymer 'PA-I galactophilic lectin'
2 non-polymer 'CALCIUM ION'
3 non-polymer [2,4-bis(oxidanyl)phenyl]-[3,4-bis(oxidanyl)phenyl]methanone
4 water water
#
_entity_poly.entity_id   1
_entity_poly.type   'polypeptide(L)'
_entity_poly.pdbx_seq_one_letter_code
;AWKGEVLANNEAGQVTSIIYNPGDVITIVAAGWASYGPTQKWGPQGDREHPDQGLICHDAFCGALVMKIGNSGTIPVNTG
LFRWVAPNNVQGAITLIYNDVPGTYGNNSGSFSVNIGKDQS
;
_entity_poly.pdbx_strand_id   A,B,C,D
#
# COMPACT_ATOMS: atom_id res chain seq x y z
N ALA A 1 4.37 1.44 5.27
CA ALA A 1 4.57 2.43 4.18
C ALA A 1 3.86 1.88 2.95
N TRP A 2 3.71 2.70 1.93
CA TRP A 2 3.02 2.35 0.67
C TRP A 2 3.88 2.89 -0.48
N LYS A 3 3.99 2.13 -1.55
CA LYS A 3 4.63 2.58 -2.80
C LYS A 3 3.72 2.18 -3.95
N GLY A 4 3.49 3.06 -4.90
CA GLY A 4 2.68 2.69 -6.07
C GLY A 4 2.71 3.73 -7.16
N GLU A 5 2.07 3.42 -8.27
CA GLU A 5 2.01 4.29 -9.47
C GLU A 5 0.63 4.97 -9.48
N VAL A 6 0.64 6.25 -9.78
CA VAL A 6 -0.60 7.04 -9.96
C VAL A 6 -0.62 7.47 -11.42
N LEU A 7 -1.52 6.91 -12.22
CA LEU A 7 -1.62 7.25 -13.67
C LEU A 7 -2.27 8.63 -13.82
N ALA A 8 -1.76 9.40 -14.75
CA ALA A 8 -2.27 10.73 -15.11
C ALA A 8 -3.70 10.58 -15.67
N ASN A 9 -4.03 9.47 -16.33
CA ASN A 9 -5.38 9.33 -16.94
C ASN A 9 -6.38 8.71 -15.98
N ASN A 10 -6.04 8.55 -14.70
CA ASN A 10 -6.93 7.92 -13.67
C ASN A 10 -7.72 9.02 -12.96
N GLU A 11 -8.94 9.30 -13.43
CA GLU A 11 -9.72 10.47 -12.94
C GLU A 11 -10.11 10.23 -11.50
N ALA A 12 -10.34 8.97 -11.11
CA ALA A 12 -10.77 8.60 -9.75
C ALA A 12 -9.59 8.68 -8.77
N GLY A 13 -8.36 8.59 -9.27
CA GLY A 13 -7.15 8.53 -8.44
C GLY A 13 -6.93 7.14 -7.88
N GLN A 14 -5.78 6.91 -7.25
CA GLN A 14 -5.34 5.62 -6.67
C GLN A 14 -5.52 5.68 -5.16
N VAL A 15 -6.34 4.80 -4.61
CA VAL A 15 -6.46 4.60 -3.15
C VAL A 15 -5.19 3.91 -2.69
N THR A 16 -4.50 4.48 -1.70
CA THR A 16 -3.27 3.89 -1.13
C THR A 16 -3.65 3.04 0.08
N SER A 17 -2.65 2.36 0.67
CA SER A 17 -2.76 1.58 1.94
C SER A 17 -2.89 2.50 3.16
N ILE A 18 -2.59 3.79 3.00
CA ILE A 18 -2.34 4.69 4.16
C ILE A 18 -3.67 5.25 4.62
N ILE A 19 -4.02 4.98 5.87
CA ILE A 19 -5.17 5.61 6.55
C ILE A 19 -4.58 6.70 7.41
N TYR A 20 -4.85 7.94 7.06
CA TYR A 20 -4.37 9.10 7.82
C TYR A 20 -5.27 9.23 9.06
N ASN A 21 -4.67 9.08 10.22
CA ASN A 21 -5.38 9.19 11.53
C ASN A 21 -4.98 10.49 12.20
N PRO A 22 -5.86 11.06 13.03
CA PRO A 22 -5.49 12.24 13.80
C PRO A 22 -4.13 12.10 14.49
N GLY A 23 -3.30 13.12 14.29
CA GLY A 23 -1.96 13.25 14.90
C GLY A 23 -0.88 12.59 14.05
N ASP A 24 -1.23 11.85 12.99
CA ASP A 24 -0.22 11.16 12.15
C ASP A 24 0.70 12.20 11.50
N VAL A 25 1.97 11.85 11.43
CA VAL A 25 3.02 12.60 10.69
C VAL A 25 3.38 11.75 9.49
N ILE A 26 3.28 12.28 8.29
CA ILE A 26 3.56 11.46 7.08
C ILE A 26 4.60 12.17 6.22
N THR A 27 5.32 11.38 5.46
CA THR A 27 6.26 11.86 4.41
C THR A 27 5.83 11.22 3.09
N ILE A 28 5.73 12.05 2.04
CA ILE A 28 5.42 11.59 0.66
C ILE A 28 6.55 12.03 -0.24
N VAL A 29 7.03 11.14 -1.09
CA VAL A 29 7.99 11.49 -2.16
C VAL A 29 7.38 11.02 -3.48
N ALA A 30 7.27 11.91 -4.47
CA ALA A 30 6.66 11.63 -5.80
C ALA A 30 7.71 11.92 -6.88
N ALA A 31 7.83 11.03 -7.85
CA ALA A 31 8.77 11.16 -8.98
C ALA A 31 8.07 10.78 -10.28
N GLY A 32 8.60 11.27 -11.39
CA GLY A 32 8.18 10.78 -12.71
C GLY A 32 7.63 11.87 -13.59
N TRP A 33 7.12 11.45 -14.75
CA TRP A 33 6.79 12.37 -15.87
C TRP A 33 5.41 12.04 -16.38
N ALA A 34 4.58 13.07 -16.54
CA ALA A 34 3.17 12.88 -16.95
C ALA A 34 2.71 14.09 -17.76
N SER A 35 1.59 13.92 -18.48
CA SER A 35 0.98 14.98 -19.33
C SER A 35 -0.54 14.97 -19.18
N TYR A 36 -1.09 16.17 -19.25
CA TYR A 36 -2.55 16.42 -19.23
C TYR A 36 -3.06 16.47 -20.69
N GLY A 37 -2.21 16.14 -21.66
CA GLY A 37 -2.61 16.12 -23.10
C GLY A 37 -1.46 16.35 -24.06
N PRO A 38 -0.64 17.42 -23.91
CA PRO A 38 0.48 17.65 -24.83
C PRO A 38 1.49 16.49 -24.89
N THR A 39 2.33 16.46 -25.94
CA THR A 39 3.42 15.44 -26.04
C THR A 39 4.48 15.76 -24.99
N GLN A 40 4.68 17.03 -24.62
CA GLN A 40 5.56 17.45 -23.50
C GLN A 40 5.09 16.76 -22.21
N LYS A 41 6.03 16.48 -21.30
CA LYS A 41 5.69 15.93 -19.97
C LYS A 41 6.25 16.86 -18.90
N TRP A 42 5.64 16.80 -17.72
CA TRP A 42 6.00 17.63 -16.54
C TRP A 42 6.14 16.70 -15.35
N GLY A 43 6.89 17.17 -14.35
CA GLY A 43 7.04 16.46 -13.08
C GLY A 43 5.82 16.66 -12.20
N PRO A 44 5.94 16.21 -10.95
CA PRO A 44 4.82 16.23 -10.01
C PRO A 44 4.35 17.62 -9.52
N GLN A 45 5.08 18.68 -9.81
CA GLN A 45 4.61 20.06 -9.60
C GLN A 45 3.75 20.56 -10.78
N GLY A 46 3.73 19.79 -11.86
CA GLY A 46 2.92 20.12 -13.06
C GLY A 46 3.50 21.25 -13.88
N ASP A 47 2.62 21.95 -14.61
CA ASP A 47 2.99 22.94 -15.66
C ASP A 47 2.71 24.34 -15.12
N ARG A 48 3.76 25.06 -14.77
CA ARG A 48 3.66 26.38 -14.10
C ARG A 48 3.19 27.44 -15.09
N GLU A 49 3.07 27.15 -16.37
CA GLU A 49 2.66 28.15 -17.40
C GLU A 49 1.16 27.99 -17.74
N HIS A 50 0.52 26.89 -17.38
CA HIS A 50 -0.83 26.55 -17.87
C HIS A 50 -1.88 27.21 -17.01
N PRO A 51 -2.86 27.92 -17.61
CA PRO A 51 -3.94 28.51 -16.83
C PRO A 51 -4.77 27.41 -16.17
N ASP A 52 -5.39 27.73 -15.02
CA ASP A 52 -6.41 26.90 -14.35
C ASP A 52 -7.76 27.09 -15.06
N GLN A 53 -8.23 26.06 -15.75
CA GLN A 53 -9.50 26.06 -16.51
C GLN A 53 -10.56 25.22 -15.80
N GLY A 54 -10.49 25.07 -14.47
CA GLY A 54 -11.44 24.25 -13.71
C GLY A 54 -10.78 23.00 -13.09
N LEU A 55 -9.56 23.11 -12.61
CA LEU A 55 -8.82 21.95 -12.01
C LEU A 55 -9.50 21.44 -10.75
N ILE A 56 -9.33 20.16 -10.42
CA ILE A 56 -9.86 19.57 -9.17
C ILE A 56 -9.17 20.22 -7.95
N CYS A 57 -7.97 20.74 -8.12
CA CYS A 57 -7.22 21.45 -7.06
C CYS A 57 -6.75 22.80 -7.59
N HIS A 58 -7.34 23.88 -7.08
CA HIS A 58 -7.04 25.27 -7.51
C HIS A 58 -5.72 25.76 -6.90
N ASP A 59 -5.16 25.01 -5.96
CA ASP A 59 -3.95 25.43 -5.22
C ASP A 59 -2.72 24.70 -5.74
N ALA A 60 -2.83 23.98 -6.85
CA ALA A 60 -1.68 23.34 -7.53
C ALA A 60 -1.85 23.54 -9.04
N PHE A 61 -0.76 23.44 -9.78
CA PHE A 61 -0.76 23.62 -11.24
C PHE A 61 -1.44 22.40 -11.88
N CYS A 62 -1.95 22.61 -13.09
CA CYS A 62 -2.36 21.50 -13.98
C CYS A 62 -1.21 20.49 -14.12
N GLY A 63 -1.47 19.22 -13.89
CA GLY A 63 -0.48 18.15 -14.00
C GLY A 63 0.30 17.93 -12.71
N ALA A 64 -0.08 18.58 -11.60
CA ALA A 64 0.55 18.33 -10.28
C ALA A 64 -0.08 17.12 -9.63
N LEU A 65 0.64 16.47 -8.73
CA LEU A 65 0.07 15.42 -7.88
C LEU A 65 -0.69 16.07 -6.72
N VAL A 66 -1.91 15.61 -6.50
CA VAL A 66 -2.71 16.08 -5.32
C VAL A 66 -3.25 14.88 -4.58
N MET A 67 -3.91 15.09 -3.45
CA MET A 67 -4.54 13.97 -2.72
C MET A 67 -5.85 14.40 -2.07
N LYS A 68 -6.64 13.40 -1.73
CA LYS A 68 -7.76 13.52 -0.77
C LYS A 68 -7.49 12.58 0.40
N ILE A 69 -7.87 13.00 1.59
CA ILE A 69 -7.79 12.18 2.81
C ILE A 69 -9.24 11.95 3.25
N GLY A 70 -9.68 10.71 3.22
CA GLY A 70 -11.10 10.36 3.37
C GLY A 70 -11.95 11.19 2.43
N ASN A 71 -12.93 11.89 3.01
CA ASN A 71 -13.96 12.70 2.32
C ASN A 71 -13.47 14.15 2.19
N SER A 72 -12.16 14.44 2.32
CA SER A 72 -11.63 15.82 2.23
C SER A 72 -11.72 16.33 0.81
N GLY A 73 -11.56 17.64 0.64
CA GLY A 73 -11.25 18.23 -0.69
C GLY A 73 -9.82 17.94 -1.05
N THR A 74 -9.38 18.44 -2.20
CA THR A 74 -8.03 18.17 -2.68
C THR A 74 -7.00 18.95 -1.86
N ILE A 75 -5.86 18.34 -1.66
CA ILE A 75 -4.69 18.91 -0.94
C ILE A 75 -3.50 18.76 -1.87
N PRO A 76 -2.72 19.82 -2.13
CA PRO A 76 -1.57 19.69 -3.01
C PRO A 76 -0.52 18.76 -2.40
N VAL A 77 0.07 17.89 -3.23
CA VAL A 77 1.23 17.06 -2.83
C VAL A 77 2.48 17.53 -3.57
N ASN A 78 2.38 17.79 -4.87
CA ASN A 78 3.55 18.22 -5.67
C ASN A 78 4.66 17.16 -5.58
N THR A 79 5.90 17.55 -5.29
CA THR A 79 7.02 16.58 -5.22
C THR A 79 6.90 15.75 -3.95
N GLY A 80 6.08 16.19 -2.99
CA GLY A 80 5.93 15.50 -1.71
C GLY A 80 5.82 16.43 -0.52
N LEU A 81 5.75 15.80 0.63
CA LEU A 81 5.49 16.46 1.93
C LEU A 81 6.46 15.83 2.93
N PHE A 82 7.16 16.65 3.70
CA PHE A 82 8.15 16.18 4.67
C PHE A 82 7.62 16.33 6.11
N ARG A 83 7.39 15.21 6.77
CA ARG A 83 6.95 15.15 8.21
C ARG A 83 5.77 16.11 8.39
N TRP A 84 4.72 15.84 7.63
CA TRP A 84 3.54 16.72 7.47
C TRP A 84 2.41 16.19 8.35
N VAL A 85 1.72 17.12 8.97
CA VAL A 85 0.53 16.86 9.81
C VAL A 85 -0.64 17.60 9.15
N ALA A 86 -1.77 16.92 9.04
CA ALA A 86 -3.01 17.47 8.48
C ALA A 86 -3.68 18.32 9.57
N PRO A 87 -4.50 19.30 9.18
CA PRO A 87 -5.42 19.92 10.13
C PRO A 87 -6.33 18.86 10.78
N ASN A 88 -6.87 19.10 11.97
CA ASN A 88 -7.55 18.02 12.73
C ASN A 88 -8.98 17.79 12.19
N ASN A 89 -9.39 18.34 11.04
CA ASN A 89 -10.71 18.04 10.44
C ASN A 89 -10.61 16.91 9.38
N VAL A 90 -9.44 16.29 9.21
CA VAL A 90 -9.15 15.42 8.06
C VAL A 90 -8.70 14.06 8.60
N GLN A 91 -9.28 12.98 8.09
CA GLN A 91 -8.85 11.58 8.39
C GLN A 91 -9.42 10.62 7.33
N GLY A 92 -8.78 9.47 7.21
CA GLY A 92 -9.21 8.36 6.34
C GLY A 92 -8.17 8.02 5.29
N ALA A 93 -8.55 7.23 4.31
CA ALA A 93 -7.60 6.68 3.33
C ALA A 93 -7.06 7.82 2.47
N ILE A 94 -5.76 7.80 2.18
CA ILE A 94 -5.20 8.76 1.19
C ILE A 94 -5.42 8.21 -0.21
N THR A 95 -6.10 9.01 -1.03
CA THR A 95 -6.24 8.81 -2.48
C THR A 95 -5.34 9.82 -3.18
N LEU A 96 -4.48 9.36 -4.07
CA LEU A 96 -3.58 10.23 -4.87
C LEU A 96 -4.23 10.45 -6.22
N ILE A 97 -4.21 11.68 -6.71
CA ILE A 97 -4.91 12.03 -7.98
C ILE A 97 -4.03 12.99 -8.76
N TYR A 98 -3.96 12.80 -10.06
CA TYR A 98 -3.39 13.80 -10.98
C TYR A 98 -4.34 15.01 -11.11
N ASN A 99 -3.78 16.22 -11.07
CA ASN A 99 -4.56 17.48 -11.10
C ASN A 99 -4.91 17.79 -12.55
N ASP A 100 -6.17 17.60 -12.93
CA ASP A 100 -6.65 18.02 -14.29
C ASP A 100 -8.10 18.47 -14.16
N VAL A 101 -8.68 18.91 -15.29
CA VAL A 101 -10.08 19.38 -15.34
C VAL A 101 -10.98 18.16 -15.45
N PRO A 102 -12.00 18.02 -14.57
CA PRO A 102 -12.93 16.90 -14.65
C PRO A 102 -13.47 16.71 -16.08
N GLY A 103 -13.54 15.45 -16.51
CA GLY A 103 -13.92 15.07 -17.89
C GLY A 103 -12.82 15.23 -18.93
N THR A 104 -11.59 15.67 -18.59
CA THR A 104 -10.49 15.87 -19.58
C THR A 104 -9.30 14.93 -19.30
N TYR A 105 -9.52 13.86 -18.53
CA TYR A 105 -8.43 12.91 -18.13
C TYR A 105 -8.12 11.92 -19.27
N GLY A 106 -9.07 11.72 -20.21
CA GLY A 106 -8.97 10.66 -21.23
C GLY A 106 -7.69 10.72 -22.02
N ASN A 107 -7.20 11.91 -22.32
CA ASN A 107 -6.03 12.17 -23.20
C ASN A 107 -4.72 12.24 -22.40
N ASN A 108 -4.76 11.92 -21.11
CA ASN A 108 -3.56 12.12 -20.24
C ASN A 108 -2.63 10.93 -20.45
N SER A 109 -1.36 11.09 -20.14
CA SER A 109 -0.37 9.99 -20.31
C SER A 109 0.69 10.08 -19.21
N GLY A 110 1.41 8.99 -19.01
CA GLY A 110 2.43 8.90 -17.96
C GLY A 110 1.86 8.74 -16.57
N SER A 111 2.73 8.82 -15.58
CA SER A 111 2.39 8.44 -14.19
C SER A 111 3.50 8.93 -13.25
N PHE A 112 3.15 9.01 -12.00
CA PHE A 112 4.12 9.29 -10.93
C PHE A 112 4.27 8.02 -10.08
N SER A 113 5.50 7.74 -9.68
N SER A 113 5.50 7.74 -9.68
CA SER A 113 5.86 6.74 -8.64
CA SER A 113 5.85 6.73 -8.64
C SER A 113 5.87 7.47 -7.30
C SER A 113 5.87 7.47 -7.30
N VAL A 114 5.11 6.96 -6.33
CA VAL A 114 4.91 7.66 -5.04
C VAL A 114 5.24 6.71 -3.90
N ASN A 115 5.96 7.21 -2.91
CA ASN A 115 6.15 6.55 -1.62
C ASN A 115 5.44 7.37 -0.54
N ILE A 116 4.72 6.72 0.38
CA ILE A 116 4.14 7.38 1.56
C ILE A 116 4.48 6.55 2.78
N GLY A 117 4.97 7.19 3.82
CA GLY A 117 5.21 6.49 5.09
C GLY A 117 4.80 7.35 6.27
N LYS A 118 4.48 6.69 7.37
CA LYS A 118 4.24 7.36 8.66
C LYS A 118 5.56 7.56 9.39
N ASP A 119 5.72 8.74 9.94
CA ASP A 119 6.92 9.15 10.71
C ASP A 119 6.68 8.97 12.20
N GLN A 120 7.76 9.07 12.99
CA GLN A 120 7.69 9.15 14.46
C GLN A 120 6.83 10.31 14.86
N SER A 121 6.08 10.11 15.92
CA SER A 121 5.29 11.18 16.57
C SER A 121 5.08 10.80 18.04
N ALA B 1 2.77 -3.65 -1.76
CA ALA B 1 1.72 -4.32 -0.95
C ALA B 1 0.52 -3.40 -0.95
N TRP B 2 -0.63 -3.86 -0.48
CA TRP B 2 -1.82 -2.98 -0.47
C TRP B 2 -2.74 -3.47 0.64
N LYS B 3 -3.34 -2.55 1.38
CA LYS B 3 -4.34 -2.87 2.42
C LYS B 3 -5.49 -1.90 2.24
N GLY B 4 -6.70 -2.39 2.33
CA GLY B 4 -7.85 -1.48 2.30
C GLY B 4 -9.15 -2.21 2.51
N GLU B 5 -10.25 -1.44 2.44
CA GLU B 5 -11.62 -1.96 2.55
C GLU B 5 -12.21 -2.18 1.16
N VAL B 6 -12.94 -3.27 1.04
CA VAL B 6 -13.74 -3.60 -0.16
C VAL B 6 -15.20 -3.52 0.29
N LEU B 7 -15.93 -2.49 -0.14
CA LEU B 7 -17.35 -2.30 0.29
C LEU B 7 -18.23 -3.27 -0.49
N ALA B 8 -19.16 -3.91 0.21
CA ALA B 8 -20.12 -4.87 -0.37
C ALA B 8 -21.02 -4.14 -1.39
N ASN B 9 -21.30 -2.85 -1.20
CA ASN B 9 -22.22 -2.11 -2.10
C ASN B 9 -21.48 -1.55 -3.34
N ASN B 10 -20.20 -1.87 -3.54
CA ASN B 10 -19.38 -1.25 -4.61
C ASN B 10 -19.35 -2.21 -5.80
N GLU B 11 -20.26 -2.01 -6.75
CA GLU B 11 -20.43 -2.93 -7.90
C GLU B 11 -19.17 -2.92 -8.77
N ALA B 12 -18.46 -1.79 -8.84
CA ALA B 12 -17.25 -1.64 -9.69
C ALA B 12 -16.05 -2.31 -9.02
N GLY B 13 -16.09 -2.52 -7.72
CA GLY B 13 -14.97 -3.05 -6.94
C GLY B 13 -13.92 -1.99 -6.67
N GLN B 14 -12.89 -2.34 -5.89
CA GLN B 14 -11.80 -1.44 -5.43
C GLN B 14 -10.56 -1.80 -6.25
N VAL B 15 -10.05 -0.86 -7.05
CA VAL B 15 -8.79 -1.07 -7.79
C VAL B 15 -7.66 -0.89 -6.76
N THR B 16 -6.77 -1.86 -6.63
CA THR B 16 -5.63 -1.79 -5.68
C THR B 16 -4.44 -1.20 -6.44
N SER B 17 -3.35 -0.93 -5.72
CA SER B 17 -2.07 -0.44 -6.30
C SER B 17 -1.21 -1.63 -6.74
N ILE B 18 -1.68 -2.87 -6.61
CA ILE B 18 -0.89 -4.06 -7.00
C ILE B 18 -1.03 -4.28 -8.50
N ILE B 19 0.08 -4.26 -9.23
CA ILE B 19 0.14 -4.72 -10.63
C ILE B 19 0.70 -6.13 -10.57
N TYR B 20 -0.11 -7.12 -10.91
CA TYR B 20 0.38 -8.50 -11.03
C TYR B 20 1.24 -8.63 -12.29
N ASN B 21 2.52 -8.95 -12.10
CA ASN B 21 3.47 -9.11 -13.24
C ASN B 21 3.81 -10.59 -13.39
N PRO B 22 4.14 -11.07 -14.61
CA PRO B 22 4.56 -12.45 -14.79
C PRO B 22 5.62 -12.90 -13.77
N GLY B 23 5.37 -14.02 -13.13
CA GLY B 23 6.29 -14.60 -12.14
C GLY B 23 5.93 -14.20 -10.73
N ASP B 24 5.08 -13.21 -10.53
CA ASP B 24 4.78 -12.71 -9.16
C ASP B 24 4.09 -13.81 -8.34
N VAL B 25 4.45 -13.91 -7.08
CA VAL B 25 3.81 -14.79 -6.08
C VAL B 25 3.12 -13.86 -5.11
N ILE B 26 1.82 -14.03 -4.86
CA ILE B 26 1.11 -13.08 -3.98
C ILE B 26 0.39 -13.84 -2.88
N THR B 27 0.24 -13.16 -1.76
CA THR B 27 -0.60 -13.62 -0.63
C THR B 27 -1.70 -12.58 -0.41
N ILE B 28 -2.94 -13.06 -0.26
CA ILE B 28 -4.12 -12.21 0.10
C ILE B 28 -4.67 -12.79 1.40
N VAL B 29 -4.94 -11.92 2.38
CA VAL B 29 -5.74 -12.30 3.56
C VAL B 29 -6.92 -11.34 3.62
N ALA B 30 -8.13 -11.87 3.75
CA ALA B 30 -9.39 -11.07 3.78
C ALA B 30 -10.13 -11.42 5.07
N ALA B 31 -10.66 -10.40 5.77
CA ALA B 31 -11.48 -10.60 6.97
C ALA B 31 -12.67 -9.65 6.95
N GLY B 32 -13.66 -9.93 7.78
CA GLY B 32 -14.76 -9.00 8.01
C GLY B 32 -16.10 -9.62 7.71
N TRP B 33 -17.13 -8.78 7.74
CA TRP B 33 -18.55 -9.16 7.75
C TRP B 33 -19.31 -8.31 6.77
N ALA B 34 -20.08 -8.94 5.91
CA ALA B 34 -20.83 -8.22 4.86
C ALA B 34 -22.13 -8.96 4.58
N SER B 35 -23.09 -8.26 3.95
CA SER B 35 -24.37 -8.84 3.50
C SER B 35 -24.69 -8.40 2.07
N TYR B 36 -25.33 -9.30 1.36
CA TYR B 36 -25.85 -9.07 -0.02
C TYR B 36 -27.31 -8.57 0.09
N GLY B 37 -27.82 -8.32 1.30
CA GLY B 37 -29.20 -7.84 1.52
C GLY B 37 -29.77 -8.19 2.89
N PRO B 38 -29.78 -9.48 3.29
CA PRO B 38 -30.32 -9.86 4.60
C PRO B 38 -29.67 -9.17 5.80
N THR B 39 -30.34 -9.20 6.96
CA THR B 39 -29.81 -8.65 8.23
C THR B 39 -28.56 -9.42 8.67
N GLN B 40 -28.54 -10.72 8.41
CA GLN B 40 -27.40 -11.62 8.69
C GLN B 40 -26.19 -11.10 7.89
N LYS B 41 -25.00 -11.33 8.41
CA LYS B 41 -23.74 -11.04 7.69
C LYS B 41 -22.96 -12.34 7.56
N TRP B 42 -22.13 -12.40 6.53
CA TRP B 42 -21.25 -13.55 6.22
C TRP B 42 -19.80 -13.04 6.12
N GLY B 43 -18.88 -13.95 6.30
CA GLY B 43 -17.45 -13.71 6.04
C GLY B 43 -17.13 -13.72 4.55
N PRO B 44 -15.82 -13.64 4.24
CA PRO B 44 -15.37 -13.53 2.86
C PRO B 44 -15.59 -14.75 1.95
N GLN B 45 -15.97 -15.90 2.51
CA GLN B 45 -16.40 -17.05 1.69
C GLN B 45 -17.88 -16.91 1.29
N GLY B 46 -18.60 -15.94 1.88
CA GLY B 46 -20.01 -15.66 1.55
C GLY B 46 -20.95 -16.69 2.14
N ASP B 47 -22.12 -16.83 1.53
CA ASP B 47 -23.26 -17.62 2.08
C ASP B 47 -23.34 -18.93 1.30
N ARG B 48 -22.96 -20.03 1.94
CA ARG B 48 -22.83 -21.32 1.20
C ARG B 48 -24.20 -21.91 0.89
N GLU B 49 -25.28 -21.32 1.43
CA GLU B 49 -26.65 -21.86 1.21
C GLU B 49 -27.37 -21.16 0.06
N HIS B 50 -26.91 -19.98 -0.38
CA HIS B 50 -27.68 -19.12 -1.32
C HIS B 50 -27.45 -19.54 -2.76
N PRO B 51 -28.53 -19.78 -3.54
CA PRO B 51 -28.38 -20.18 -4.93
C PRO B 51 -27.75 -19.04 -5.75
N ASP B 52 -27.04 -19.40 -6.83
CA ASP B 52 -26.44 -18.45 -7.80
C ASP B 52 -27.52 -18.02 -8.80
N GLN B 53 -27.96 -16.77 -8.76
CA GLN B 53 -28.98 -16.24 -9.71
C GLN B 53 -28.34 -15.23 -10.68
N GLY B 54 -27.07 -15.44 -11.05
CA GLY B 54 -26.34 -14.56 -12.00
C GLY B 54 -25.18 -13.82 -11.34
N LEU B 55 -24.46 -14.47 -10.43
CA LEU B 55 -23.31 -13.82 -9.71
C LEU B 55 -22.20 -13.48 -10.72
N ILE B 56 -21.40 -12.45 -10.43
CA ILE B 56 -20.26 -12.07 -11.31
C ILE B 56 -19.21 -13.18 -11.29
N CYS B 57 -19.19 -14.02 -10.25
CA CYS B 57 -18.27 -15.17 -10.16
C CYS B 57 -19.06 -16.43 -9.83
N HIS B 58 -19.15 -17.36 -10.78
CA HIS B 58 -19.95 -18.61 -10.64
C HIS B 58 -19.20 -19.63 -9.82
N ASP B 59 -17.93 -19.39 -9.49
CA ASP B 59 -17.08 -20.38 -8.77
C ASP B 59 -16.92 -19.96 -7.31
N ALA B 60 -17.69 -18.97 -6.85
CA ALA B 60 -17.68 -18.54 -5.43
C ALA B 60 -19.12 -18.28 -5.01
N PHE B 61 -19.40 -18.37 -3.72
CA PHE B 61 -20.75 -18.18 -3.16
C PHE B 61 -21.11 -16.69 -3.26
N CYS B 62 -22.40 -16.40 -3.29
CA CYS B 62 -22.95 -15.04 -3.09
C CYS B 62 -22.36 -14.45 -1.80
N GLY B 63 -21.81 -13.25 -1.89
CA GLY B 63 -21.22 -12.53 -0.74
C GLY B 63 -19.77 -12.90 -0.49
N ALA B 64 -19.13 -13.63 -1.40
CA ALA B 64 -17.68 -13.96 -1.30
C ALA B 64 -16.84 -12.81 -1.87
N LEU B 65 -15.58 -12.72 -1.44
CA LEU B 65 -14.61 -11.81 -2.07
C LEU B 65 -14.07 -12.46 -3.34
N VAL B 66 -14.03 -11.71 -4.43
CA VAL B 66 -13.43 -12.20 -5.69
C VAL B 66 -12.51 -11.12 -6.24
N MET B 67 -11.77 -11.44 -7.30
CA MET B 67 -10.90 -10.40 -7.90
C MET B 67 -10.88 -10.52 -9.43
N LYS B 68 -10.42 -9.47 -10.07
CA LYS B 68 -10.00 -9.46 -11.48
C LYS B 68 -8.56 -8.99 -11.54
N ILE B 69 -7.78 -9.57 -12.43
CA ILE B 69 -6.38 -9.14 -12.70
C ILE B 69 -6.34 -8.65 -14.14
N GLY B 70 -6.01 -7.38 -14.33
CA GLY B 70 -6.09 -6.71 -15.64
C GLY B 70 -7.49 -6.93 -16.22
N ASN B 71 -7.58 -7.46 -17.44
CA ASN B 71 -8.86 -7.64 -18.17
C ASN B 71 -9.35 -9.08 -17.96
N SER B 72 -8.95 -9.76 -16.88
CA SER B 72 -9.38 -11.17 -16.63
C SER B 72 -10.85 -11.19 -16.24
N GLY B 73 -11.45 -12.37 -16.28
CA GLY B 73 -12.75 -12.60 -15.62
C GLY B 73 -12.52 -12.71 -14.12
N THR B 74 -13.58 -12.99 -13.37
CA THR B 74 -13.51 -13.08 -11.90
C THR B 74 -12.77 -14.36 -11.48
N ILE B 75 -11.99 -14.23 -10.43
CA ILE B 75 -11.19 -15.31 -9.79
C ILE B 75 -11.58 -15.29 -8.33
N PRO B 76 -11.97 -16.42 -7.71
CA PRO B 76 -12.34 -16.42 -6.31
C PRO B 76 -11.14 -16.05 -5.42
N VAL B 77 -11.41 -15.28 -4.38
CA VAL B 77 -10.40 -14.98 -3.32
C VAL B 77 -10.83 -15.58 -2.01
N ASN B 78 -12.11 -15.45 -1.65
CA ASN B 78 -12.61 -16.02 -0.38
C ASN B 78 -11.81 -15.46 0.80
N THR B 79 -11.34 -16.28 1.73
CA THR B 79 -10.59 -15.78 2.89
C THR B 79 -9.18 -15.36 2.46
N GLY B 80 -8.74 -15.75 1.27
CA GLY B 80 -7.41 -15.36 0.76
C GLY B 80 -6.73 -16.44 -0.04
N LEU B 81 -5.53 -16.12 -0.50
CA LEU B 81 -4.70 -16.97 -1.38
C LEU B 81 -3.30 -16.98 -0.77
N PHE B 82 -2.74 -18.16 -0.63
CA PHE B 82 -1.42 -18.35 0.00
C PHE B 82 -0.37 -18.65 -1.07
N ARG B 83 0.56 -17.71 -1.27
CA ARG B 83 1.72 -17.89 -2.18
C ARG B 83 1.21 -18.38 -3.53
N TRP B 84 0.35 -17.57 -4.13
CA TRP B 84 -0.45 -17.89 -5.32
C TRP B 84 0.19 -17.28 -6.55
N VAL B 85 0.22 -18.04 -7.63
CA VAL B 85 0.76 -17.63 -8.94
C VAL B 85 -0.38 -17.71 -9.94
N ALA B 86 -0.50 -16.69 -10.78
CA ALA B 86 -1.55 -16.60 -11.83
C ALA B 86 -1.14 -17.46 -13.00
N PRO B 87 -2.11 -18.02 -13.74
CA PRO B 87 -1.80 -18.63 -15.04
C PRO B 87 -1.18 -17.57 -15.98
N ASN B 88 -0.52 -18.01 -17.03
CA ASN B 88 0.14 -17.15 -18.05
C ASN B 88 -0.74 -16.05 -18.64
N ASN B 89 -2.02 -16.31 -18.77
CA ASN B 89 -2.92 -15.36 -19.48
C ASN B 89 -3.31 -14.19 -18.55
N VAL B 90 -2.77 -14.10 -17.34
CA VAL B 90 -3.35 -13.18 -16.31
C VAL B 90 -2.25 -12.22 -15.88
N GLN B 91 -2.43 -10.91 -16.12
CA GLN B 91 -1.51 -9.88 -15.56
C GLN B 91 -2.23 -8.52 -15.51
N GLY B 92 -1.71 -7.60 -14.69
CA GLY B 92 -2.22 -6.22 -14.59
C GLY B 92 -2.74 -5.90 -13.22
N ALA B 93 -3.45 -4.80 -13.09
CA ALA B 93 -3.88 -4.26 -11.79
C ALA B 93 -4.89 -5.21 -11.16
N ILE B 94 -4.77 -5.45 -9.87
CA ILE B 94 -5.77 -6.27 -9.15
C ILE B 94 -6.93 -5.39 -8.70
N THR B 95 -8.15 -5.71 -9.13
CA THR B 95 -9.42 -5.15 -8.57
C THR B 95 -10.09 -6.19 -7.65
N LEU B 96 -10.47 -5.79 -6.44
CA LEU B 96 -11.19 -6.65 -5.47
C LEU B 96 -12.68 -6.31 -5.53
N ILE B 97 -13.54 -7.33 -5.54
CA ILE B 97 -15.00 -7.12 -5.74
C ILE B 97 -15.78 -8.06 -4.84
N TYR B 98 -16.86 -7.57 -4.27
CA TYR B 98 -17.87 -8.40 -3.58
C TYR B 98 -18.68 -9.15 -4.65
N ASN B 99 -18.92 -10.45 -4.44
CA ASN B 99 -19.63 -11.35 -5.39
C ASN B 99 -21.13 -11.16 -5.18
N ASP B 100 -21.79 -10.48 -6.11
CA ASP B 100 -23.29 -10.38 -6.06
C ASP B 100 -23.80 -10.34 -7.49
N VAL B 101 -25.13 -10.27 -7.64
CA VAL B 101 -25.78 -10.26 -8.98
C VAL B 101 -25.74 -8.82 -9.45
N PRO B 102 -25.26 -8.55 -10.68
CA PRO B 102 -25.27 -7.19 -11.23
C PRO B 102 -26.65 -6.53 -11.08
N GLY B 103 -26.67 -5.25 -10.70
CA GLY B 103 -27.90 -4.49 -10.43
C GLY B 103 -28.45 -4.71 -9.03
N THR B 104 -27.88 -5.59 -8.18
CA THR B 104 -28.43 -5.91 -6.84
C THR B 104 -27.46 -5.51 -5.72
N TYR B 105 -26.47 -4.65 -6.00
CA TYR B 105 -25.44 -4.23 -5.00
C TYR B 105 -25.99 -3.14 -4.07
N GLY B 106 -27.02 -2.40 -4.48
CA GLY B 106 -27.52 -1.21 -3.75
C GLY B 106 -27.89 -1.53 -2.32
N ASN B 107 -28.41 -2.74 -2.06
CA ASN B 107 -28.94 -3.13 -0.72
C ASN B 107 -27.84 -3.81 0.12
N ASN B 108 -26.61 -3.85 -0.36
CA ASN B 108 -25.53 -4.59 0.34
C ASN B 108 -25.00 -3.73 1.47
N SER B 109 -24.39 -4.34 2.46
CA SER B 109 -23.82 -3.59 3.60
C SER B 109 -22.55 -4.27 4.09
N GLY B 110 -21.74 -3.51 4.81
CA GLY B 110 -20.48 -4.02 5.37
C GLY B 110 -19.40 -4.11 4.31
N SER B 111 -18.31 -4.75 4.69
CA SER B 111 -17.06 -4.68 3.90
C SER B 111 -16.08 -5.72 4.39
N PHE B 112 -15.09 -5.99 3.56
CA PHE B 112 -13.94 -6.84 3.95
C PHE B 112 -12.71 -5.97 4.03
N SER B 113 -11.89 -6.21 5.05
N SER B 113 -11.89 -6.21 5.06
CA SER B 113 -10.50 -5.68 5.17
CA SER B 113 -10.50 -5.70 5.18
C SER B 113 -9.57 -6.67 4.46
C SER B 113 -9.57 -6.68 4.46
N VAL B 114 -8.78 -6.18 3.49
CA VAL B 114 -7.94 -7.05 2.66
C VAL B 114 -6.49 -6.56 2.70
N ASN B 115 -5.58 -7.50 2.82
CA ASN B 115 -4.13 -7.28 2.65
C ASN B 115 -3.69 -8.08 1.43
N ILE B 116 -2.87 -7.47 0.56
CA ILE B 116 -2.20 -8.18 -0.54
C ILE B 116 -0.72 -7.84 -0.42
N GLY B 117 0.12 -8.85 -0.50
CA GLY B 117 1.57 -8.68 -0.59
C GLY B 117 2.15 -9.46 -1.73
N LYS B 118 3.29 -9.01 -2.26
CA LYS B 118 4.13 -9.85 -3.12
C LYS B 118 5.08 -10.64 -2.24
N ASP B 119 5.18 -11.91 -2.53
CA ASP B 119 6.02 -12.85 -1.75
C ASP B 119 7.38 -12.97 -2.42
N GLN B 120 8.34 -13.54 -1.69
CA GLN B 120 9.67 -13.85 -2.25
C GLN B 120 9.48 -14.83 -3.37
N SER B 121 10.26 -14.65 -4.41
CA SER B 121 10.24 -15.50 -5.61
C SER B 121 11.60 -15.42 -6.28
N ALA C 1 6.88 -24.22 5.19
CA ALA C 1 5.47 -23.87 5.38
C ALA C 1 4.78 -25.10 5.96
N TRP C 2 3.60 -24.93 6.55
CA TRP C 2 2.76 -26.06 7.02
C TRP C 2 1.38 -25.90 6.39
N LYS C 3 0.81 -27.01 5.96
CA LYS C 3 -0.56 -27.04 5.41
C LYS C 3 -1.26 -28.23 6.04
N GLY C 4 -2.49 -28.08 6.44
CA GLY C 4 -3.21 -29.22 7.00
C GLY C 4 -4.64 -28.87 7.33
N GLU C 5 -5.29 -29.82 8.01
CA GLU C 5 -6.73 -29.77 8.35
C GLU C 5 -6.83 -29.63 9.87
N VAL C 6 -7.76 -28.80 10.30
CA VAL C 6 -8.09 -28.70 11.74
C VAL C 6 -9.54 -29.13 11.89
N LEU C 7 -9.80 -30.27 12.55
CA LEU C 7 -11.19 -30.76 12.72
C LEU C 7 -11.87 -29.98 13.84
N ALA C 8 -13.12 -29.61 13.62
CA ALA C 8 -13.95 -28.87 14.60
C ALA C 8 -14.16 -29.69 15.88
N ASN C 9 -14.17 -31.02 15.77
CA ASN C 9 -14.46 -31.88 16.96
C ASN C 9 -13.17 -32.22 17.72
N ASN C 10 -12.03 -31.60 17.40
CA ASN C 10 -10.72 -31.93 18.02
C ASN C 10 -10.46 -30.96 19.18
N GLU C 11 -10.81 -31.33 20.40
CA GLU C 11 -10.69 -30.42 21.57
C GLU C 11 -9.22 -30.10 21.84
N ALA C 12 -8.31 -31.03 21.56
CA ALA C 12 -6.86 -30.84 21.83
C ALA C 12 -6.25 -29.91 20.77
N GLY C 13 -6.89 -29.79 19.60
CA GLY C 13 -6.35 -29.04 18.44
C GLY C 13 -5.28 -29.86 17.72
N GLN C 14 -4.75 -29.34 16.61
CA GLN C 14 -3.69 -30.04 15.82
C GLN C 14 -2.39 -29.26 16.02
N VAL C 15 -1.39 -29.93 16.57
CA VAL C 15 -0.01 -29.36 16.65
C VAL C 15 0.54 -29.33 15.23
N THR C 16 1.05 -28.19 14.79
CA THR C 16 1.66 -28.03 13.45
C THR C 16 3.16 -28.26 13.60
N SER C 17 3.87 -28.28 12.47
CA SER C 17 5.35 -28.36 12.42
C SER C 17 5.97 -26.97 12.61
N ILE C 18 5.17 -25.91 12.77
CA ILE C 18 5.71 -24.53 12.88
C ILE C 18 6.12 -24.28 14.31
N ILE C 19 7.38 -23.97 14.54
CA ILE C 19 7.87 -23.45 15.85
C ILE C 19 7.98 -21.94 15.70
N TYR C 20 7.11 -21.22 16.38
CA TYR C 20 7.16 -19.74 16.38
C TYR C 20 8.30 -19.32 17.29
N ASN C 21 9.28 -18.62 16.72
CA ASN C 21 10.47 -18.14 17.47
C ASN C 21 10.37 -16.62 17.61
N PRO C 22 10.94 -16.02 18.66
CA PRO C 22 10.92 -14.57 18.81
C PRO C 22 11.39 -13.87 17.53
N GLY C 23 10.61 -12.90 17.09
CA GLY C 23 10.93 -12.06 15.92
C GLY C 23 10.36 -12.63 14.63
N ASP C 24 9.86 -13.87 14.64
CA ASP C 24 9.28 -14.48 13.41
C ASP C 24 8.08 -13.65 12.93
N VAL C 25 8.00 -13.51 11.60
CA VAL C 25 6.85 -12.88 10.90
C VAL C 25 6.15 -14.02 10.18
N ILE C 26 4.86 -14.22 10.44
CA ILE C 26 4.16 -15.38 9.83
C ILE C 26 2.90 -14.89 9.12
N THR C 27 2.50 -15.67 8.12
CA THR C 27 1.21 -15.50 7.43
C THR C 27 0.41 -16.79 7.59
N ILE C 28 -0.87 -16.65 7.96
CA ILE C 28 -1.83 -17.79 8.02
C ILE C 28 -2.97 -17.44 7.07
N VAL C 29 -3.36 -18.39 6.23
CA VAL C 29 -4.67 -18.30 5.53
C VAL C 29 -5.49 -19.54 5.91
N ALA C 30 -6.71 -19.34 6.40
CA ALA C 30 -7.63 -20.43 6.78
C ALA C 30 -8.89 -20.34 5.90
N ALA C 31 -9.37 -21.49 5.43
CA ALA C 31 -10.61 -21.60 4.64
C ALA C 31 -11.43 -22.79 5.16
N GLY C 32 -12.70 -22.84 4.77
CA GLY C 32 -13.51 -24.04 5.00
C GLY C 32 -14.72 -23.73 5.86
N TRP C 33 -15.42 -24.80 6.25
CA TRP C 33 -16.78 -24.74 6.83
C TRP C 33 -16.89 -25.73 7.96
N ALA C 34 -17.39 -25.27 9.10
CA ALA C 34 -17.47 -26.10 10.33
C ALA C 34 -18.66 -25.66 11.17
N SER C 35 -19.06 -26.52 12.10
CA SER C 35 -20.16 -26.27 13.07
C SER C 35 -19.78 -26.72 14.48
N TYR C 36 -20.27 -25.98 15.46
CA TYR C 36 -20.10 -26.25 16.91
C TYR C 36 -21.30 -27.09 17.40
N GLY C 37 -22.18 -27.51 16.49
CA GLY C 37 -23.36 -28.33 16.85
C GLY C 37 -24.50 -28.20 15.84
N PRO C 38 -25.00 -26.99 15.55
CA PRO C 38 -26.08 -26.81 14.59
C PRO C 38 -25.81 -27.37 13.19
N THR C 39 -26.87 -27.53 12.41
CA THR C 39 -26.81 -28.04 11.02
C THR C 39 -26.15 -26.97 10.15
N GLN C 40 -26.33 -25.68 10.47
CA GLN C 40 -25.67 -24.56 9.73
C GLN C 40 -24.15 -24.73 9.87
N LYS C 41 -23.39 -24.24 8.90
CA LYS C 41 -21.89 -24.22 8.97
C LYS C 41 -21.44 -22.76 8.89
N TRP C 42 -20.29 -22.45 9.49
CA TRP C 42 -19.70 -21.10 9.48
C TRP C 42 -18.24 -21.21 8.99
N GLY C 43 -17.72 -20.10 8.50
CA GLY C 43 -16.30 -20.01 8.15
C GLY C 43 -15.42 -19.82 9.37
N PRO C 44 -14.12 -19.57 9.14
CA PRO C 44 -13.14 -19.47 10.21
C PRO C 44 -13.28 -18.27 11.16
N GLN C 45 -14.13 -17.29 10.88
CA GLN C 45 -14.46 -16.25 11.90
C GLN C 45 -15.61 -16.74 12.82
N GLY C 46 -16.22 -17.89 12.50
CA GLY C 46 -17.27 -18.47 13.35
C GLY C 46 -18.60 -17.74 13.25
N ASP C 47 -19.41 -17.82 14.30
CA ASP C 47 -20.83 -17.38 14.31
C ASP C 47 -20.93 -16.11 15.14
N ARG C 48 -21.13 -14.97 14.50
CA ARG C 48 -21.11 -13.65 15.20
C ARG C 48 -22.36 -13.46 16.07
N GLU C 49 -23.36 -14.35 15.97
CA GLU C 49 -24.65 -14.20 16.70
C GLU C 49 -24.64 -15.05 17.98
N HIS C 50 -23.72 -16.00 18.14
CA HIS C 50 -23.74 -16.97 19.27
C HIS C 50 -23.08 -16.36 20.50
N PRO C 51 -23.74 -16.39 21.67
CA PRO C 51 -23.14 -15.85 22.88
C PRO C 51 -21.94 -16.72 23.28
N ASP C 52 -21.00 -16.12 24.00
CA ASP C 52 -19.84 -16.80 24.64
C ASP C 52 -20.30 -17.44 25.96
N GLN C 53 -20.35 -18.77 26.01
CA GLN C 53 -20.76 -19.51 27.24
C GLN C 53 -19.56 -20.22 27.88
N GLY C 54 -18.35 -19.65 27.74
CA GLY C 54 -17.10 -20.23 28.27
C GLY C 54 -16.19 -20.76 27.16
N LEU C 55 -16.07 -20.02 26.05
CA LEU C 55 -15.19 -20.42 24.91
C LEU C 55 -13.73 -20.43 25.36
N ILE C 56 -12.88 -21.26 24.73
CA ILE C 56 -11.42 -21.30 25.02
C ILE C 56 -10.81 -19.95 24.62
N CYS C 57 -11.41 -19.21 23.69
CA CYS C 57 -10.95 -17.86 23.29
C CYS C 57 -12.09 -16.87 23.38
N HIS C 58 -12.02 -15.93 24.32
CA HIS C 58 -13.07 -14.92 24.58
C HIS C 58 -12.99 -13.80 23.54
N ASP C 59 -11.93 -13.75 22.73
CA ASP C 59 -11.66 -12.64 21.79
C ASP C 59 -12.02 -13.08 20.37
N ALA C 60 -12.67 -14.23 20.20
CA ALA C 60 -13.14 -14.73 18.90
C ALA C 60 -14.50 -15.37 19.12
N PHE C 61 -15.30 -15.44 18.05
CA PHE C 61 -16.66 -16.01 18.12
C PHE C 61 -16.56 -17.52 18.26
N CYS C 62 -17.63 -18.10 18.78
CA CYS C 62 -17.84 -19.57 18.73
C CYS C 62 -17.68 -20.06 17.28
N GLY C 63 -16.85 -21.08 17.08
CA GLY C 63 -16.61 -21.69 15.76
C GLY C 63 -15.54 -20.98 14.95
N ALA C 64 -14.80 -20.05 15.58
CA ALA C 64 -13.64 -19.39 14.93
C ALA C 64 -12.40 -20.29 15.02
N LEU C 65 -11.44 -20.09 14.12
CA LEU C 65 -10.12 -20.72 14.25
C LEU C 65 -9.28 -19.89 15.23
N VAL C 66 -8.68 -20.56 16.19
CA VAL C 66 -7.76 -19.89 17.14
C VAL C 66 -6.50 -20.72 17.22
N MET C 67 -5.50 -20.21 17.95
CA MET C 67 -4.26 -20.98 18.11
C MET C 67 -3.65 -20.74 19.49
N LYS C 68 -2.73 -21.61 19.86
CA LYS C 68 -1.78 -21.40 20.96
C LYS C 68 -0.38 -21.51 20.38
N ILE C 69 0.53 -20.73 20.94
CA ILE C 69 1.96 -20.78 20.60
C ILE C 69 2.68 -21.24 21.88
N GLY C 70 3.31 -22.40 21.81
CA GLY C 70 3.81 -23.10 23.01
C GLY C 70 2.68 -23.21 24.02
N ASN C 71 2.93 -22.79 25.26
CA ASN C 71 1.96 -22.90 26.37
C ASN C 71 1.28 -21.54 26.56
N SER C 72 1.15 -20.73 25.49
CA SER C 72 0.40 -19.44 25.53
C SER C 72 -1.08 -19.70 25.79
N GLY C 73 -1.81 -18.65 26.13
CA GLY C 73 -3.27 -18.63 26.04
C GLY C 73 -3.70 -18.61 24.58
N THR C 74 -5.00 -18.66 24.33
CA THR C 74 -5.53 -18.70 22.96
C THR C 74 -5.37 -17.33 22.29
N ILE C 75 -5.09 -17.37 21.00
CA ILE C 75 -4.89 -16.18 20.15
C ILE C 75 -5.83 -16.34 18.98
N PRO C 76 -6.68 -15.34 18.66
CA PRO C 76 -7.56 -15.49 17.51
C PRO C 76 -6.76 -15.58 16.20
N VAL C 77 -7.19 -16.46 15.30
CA VAL C 77 -6.64 -16.53 13.92
C VAL C 77 -7.71 -16.08 12.94
N ASN C 78 -8.94 -16.53 13.12
CA ASN C 78 -10.04 -16.17 12.20
C ASN C 78 -9.68 -16.59 10.76
N THR C 79 -9.86 -15.72 9.77
CA THR C 79 -9.55 -16.05 8.37
C THR C 79 -8.04 -16.11 8.15
N GLY C 80 -7.25 -15.56 9.08
CA GLY C 80 -5.78 -15.62 8.98
C GLY C 80 -5.11 -14.36 9.47
N LEU C 81 -3.78 -14.33 9.35
CA LEU C 81 -2.89 -13.28 9.89
C LEU C 81 -1.92 -12.92 8.76
N PHE C 82 -1.76 -11.64 8.48
CA PHE C 82 -0.88 -11.20 7.37
C PHE C 82 0.41 -10.58 7.94
N ARG C 83 1.54 -11.22 7.70
CA ARG C 83 2.88 -10.71 8.09
C ARG C 83 2.81 -10.24 9.55
N TRP C 84 2.48 -11.18 10.41
CA TRP C 84 2.04 -10.96 11.80
C TRP C 84 3.19 -11.34 12.74
N VAL C 85 3.32 -10.59 13.82
CA VAL C 85 4.34 -10.82 14.86
C VAL C 85 3.58 -11.05 16.17
N ALA C 86 4.01 -12.06 16.92
CA ALA C 86 3.37 -12.48 18.18
C ALA C 86 3.67 -11.49 19.28
N PRO C 87 2.80 -11.42 20.31
CA PRO C 87 3.13 -10.73 21.56
C PRO C 87 4.50 -11.16 22.10
N ASN C 88 5.16 -10.28 22.85
CA ASN C 88 6.48 -10.57 23.44
C ASN C 88 6.38 -11.83 24.32
N ASN C 89 7.47 -12.58 24.44
CA ASN C 89 7.57 -13.70 25.42
C ASN C 89 6.59 -14.82 25.04
N VAL C 90 6.23 -14.92 23.77
CA VAL C 90 5.40 -16.05 23.28
C VAL C 90 6.26 -16.82 22.28
N GLN C 91 6.49 -18.11 22.50
CA GLN C 91 7.28 -18.93 21.57
C GLN C 91 6.90 -20.40 21.69
N GLY C 92 7.19 -21.15 20.63
CA GLY C 92 6.99 -22.61 20.62
C GLY C 92 6.09 -23.04 19.48
N ALA C 93 5.69 -24.32 19.51
CA ALA C 93 4.93 -24.94 18.42
C ALA C 93 3.58 -24.25 18.32
N ILE C 94 3.12 -24.02 17.09
CA ILE C 94 1.74 -23.53 16.87
C ILE C 94 0.77 -24.71 16.90
N THR C 95 -0.23 -24.65 17.79
CA THR C 95 -1.39 -25.57 17.80
C THR C 95 -2.62 -24.80 17.30
N LEU C 96 -3.32 -25.36 16.32
CA LEU C 96 -4.55 -24.77 15.77
C LEU C 96 -5.74 -25.45 16.46
N ILE C 97 -6.74 -24.67 16.82
CA ILE C 97 -7.91 -25.22 17.59
C ILE C 97 -9.16 -24.51 17.14
N TYR C 98 -10.22 -25.28 16.98
CA TYR C 98 -11.59 -24.73 16.83
C TYR C 98 -12.07 -24.15 18.15
N ASN C 99 -12.67 -22.95 18.12
CA ASN C 99 -13.12 -22.19 19.30
C ASN C 99 -14.47 -22.76 19.75
N ASP C 100 -14.49 -23.53 20.84
CA ASP C 100 -15.79 -24.00 21.42
C ASP C 100 -15.65 -24.05 22.94
N VAL C 101 -16.74 -24.39 23.63
CA VAL C 101 -16.77 -24.52 25.12
C VAL C 101 -16.13 -25.86 25.46
N PRO C 102 -15.12 -25.89 26.36
CA PRO C 102 -14.48 -27.14 26.74
C PRO C 102 -15.52 -28.21 27.15
N GLY C 103 -15.30 -29.45 26.69
CA GLY C 103 -16.20 -30.60 26.87
C GLY C 103 -17.42 -30.60 25.96
N THR C 104 -17.56 -29.66 25.00
CA THR C 104 -18.73 -29.62 24.06
C THR C 104 -18.31 -29.85 22.61
N TYR C 105 -17.13 -30.41 22.38
CA TYR C 105 -16.54 -30.58 21.03
C TYR C 105 -17.14 -31.81 20.33
N GLY C 106 -17.67 -32.78 21.08
CA GLY C 106 -18.11 -34.09 20.55
C GLY C 106 -19.08 -33.95 19.38
N ASN C 107 -19.97 -32.95 19.44
CA ASN C 107 -21.07 -32.76 18.45
C ASN C 107 -20.64 -31.86 17.29
N ASN C 108 -19.36 -31.49 17.21
CA ASN C 108 -18.88 -30.52 16.19
C ASN C 108 -18.68 -31.29 14.88
N SER C 109 -18.71 -30.60 13.75
CA SER C 109 -18.51 -31.21 12.42
C SER C 109 -17.74 -30.27 11.49
N GLY C 110 -17.17 -30.83 10.43
CA GLY C 110 -16.38 -30.09 9.42
C GLY C 110 -15.01 -29.68 9.95
N SER C 111 -14.34 -28.83 9.18
CA SER C 111 -12.89 -28.59 9.38
C SER C 111 -12.44 -27.39 8.58
N PHE C 112 -11.30 -26.84 8.97
CA PHE C 112 -10.66 -25.75 8.21
C PHE C 112 -9.37 -26.27 7.59
N SER C 113 -9.14 -25.87 6.34
N SER C 113 -9.14 -25.89 6.34
CA SER C 113 -7.86 -26.03 5.61
CA SER C 113 -7.86 -26.02 5.58
C SER C 113 -6.98 -24.80 5.92
C SER C 113 -6.98 -24.81 5.92
N VAL C 114 -5.77 -25.03 6.43
CA VAL C 114 -4.92 -23.92 6.94
C VAL C 114 -3.53 -24.02 6.31
N ASN C 115 -3.04 -22.87 5.84
CA ASN C 115 -1.65 -22.70 5.42
C ASN C 115 -0.97 -21.75 6.40
N ILE C 116 0.24 -22.10 6.83
CA ILE C 116 1.09 -21.23 7.69
C ILE C 116 2.47 -21.16 7.03
N GLY C 117 3.01 -19.97 6.87
CA GLY C 117 4.41 -19.85 6.42
C GLY C 117 5.11 -18.77 7.20
N LYS C 118 6.43 -18.88 7.30
CA LYS C 118 7.28 -17.80 7.83
C LYS C 118 7.63 -16.89 6.67
N ASP C 119 7.50 -15.60 6.94
CA ASP C 119 7.77 -14.55 5.96
C ASP C 119 9.19 -14.05 6.13
N GLN C 120 9.66 -13.21 5.20
CA GLN C 120 10.97 -12.56 5.29
C GLN C 120 10.91 -11.67 6.54
N SER C 121 12.01 -11.59 7.25
CA SER C 121 12.16 -10.63 8.37
C SER C 121 13.62 -10.22 8.53
N ALA D 1 17.34 16.83 11.55
CA ALA D 1 16.95 17.02 10.14
C ALA D 1 17.56 18.31 9.65
N TRP D 2 17.61 18.51 8.34
CA TRP D 2 18.17 19.70 7.71
C TRP D 2 17.14 20.23 6.72
N LYS D 3 17.02 21.54 6.67
CA LYS D 3 16.12 22.23 5.70
C LYS D 3 16.94 23.40 5.16
N GLY D 4 16.88 23.62 3.87
CA GLY D 4 17.61 24.76 3.31
C GLY D 4 17.28 24.96 1.86
N GLU D 5 17.94 25.96 1.28
N GLU D 5 18.01 25.89 1.24
CA GLU D 5 17.76 26.38 -0.14
CA GLU D 5 17.76 26.44 -0.12
C GLU D 5 19.03 26.04 -0.88
C GLU D 5 19.00 26.21 -0.96
N VAL D 6 18.88 25.50 -2.09
CA VAL D 6 20.01 25.16 -2.97
C VAL D 6 19.90 26.05 -4.19
N LEU D 7 20.80 27.03 -4.34
CA LEU D 7 20.70 27.99 -5.46
C LEU D 7 21.24 27.34 -6.72
N ALA D 8 20.54 27.54 -7.83
CA ALA D 8 20.91 27.02 -9.16
C ALA D 8 22.26 27.62 -9.59
N ASN D 9 22.58 28.84 -9.17
CA ASN D 9 23.82 29.52 -9.63
C ASN D 9 25.02 29.19 -8.73
N ASN D 10 24.88 28.26 -7.79
CA ASN D 10 25.95 27.92 -6.81
C ASN D 10 26.71 26.68 -7.33
N GLU D 11 27.81 26.89 -8.03
CA GLU D 11 28.60 25.80 -8.65
C GLU D 11 29.15 24.83 -7.60
N ALA D 12 29.49 25.32 -6.41
CA ALA D 12 30.08 24.49 -5.34
C ALA D 12 28.98 23.67 -4.63
N GLY D 13 27.72 24.09 -4.75
CA GLY D 13 26.60 23.46 -4.02
C GLY D 13 26.57 23.90 -2.56
N GLN D 14 25.62 23.40 -1.77
CA GLN D 14 25.45 23.76 -0.33
C GLN D 14 25.79 22.53 0.47
N VAL D 15 26.80 22.64 1.33
N VAL D 15 26.73 22.66 1.40
CA VAL D 15 27.09 21.59 2.35
CA VAL D 15 27.06 21.59 2.38
C VAL D 15 25.99 21.66 3.40
C VAL D 15 26.01 21.64 3.48
N THR D 16 25.33 20.53 3.68
CA THR D 16 24.29 20.44 4.72
C THR D 16 24.94 20.08 6.03
N SER D 17 24.15 20.01 7.10
CA SER D 17 24.56 19.56 8.44
C SER D 17 24.46 18.03 8.53
N ILE D 18 24.00 17.33 7.49
CA ILE D 18 23.79 15.86 7.56
C ILE D 18 25.11 15.17 7.27
N ILE D 19 25.59 14.36 8.20
CA ILE D 19 26.71 13.43 7.94
C ILE D 19 26.08 12.06 7.72
N TYR D 20 26.18 11.54 6.51
CA TYR D 20 25.74 10.16 6.24
C TYR D 20 26.76 9.16 6.82
N ASN D 21 26.32 8.36 7.78
CA ASN D 21 27.18 7.37 8.47
C ASN D 21 26.78 5.97 8.00
N PRO D 22 27.70 4.98 8.09
CA PRO D 22 27.34 3.60 7.79
C PRO D 22 26.08 3.17 8.56
N GLY D 23 25.12 2.61 7.83
CA GLY D 23 23.87 2.07 8.39
C GLY D 23 22.76 3.09 8.38
N ASP D 24 23.04 4.35 8.04
CA ASP D 24 22.00 5.40 8.07
C ASP D 24 20.98 5.11 6.96
N VAL D 25 19.76 5.52 7.19
CA VAL D 25 18.65 5.50 6.18
C VAL D 25 18.17 6.92 6.08
N ILE D 26 18.05 7.50 4.87
CA ILE D 26 17.68 8.93 4.80
C ILE D 26 16.50 9.15 3.86
N THR D 27 15.75 10.20 4.14
CA THR D 27 14.64 10.68 3.27
C THR D 27 14.95 12.13 2.86
N ILE D 28 14.80 12.43 1.58
CA ILE D 28 14.96 13.80 1.01
C ILE D 28 13.66 14.15 0.29
N VAL D 29 13.14 15.34 0.50
CA VAL D 29 12.07 15.93 -0.34
C VAL D 29 12.61 17.26 -0.90
N ALA D 30 12.56 17.46 -2.22
CA ALA D 30 12.98 18.71 -2.87
C ALA D 30 11.78 19.33 -3.62
N ALA D 31 11.67 20.64 -3.60
CA ALA D 31 10.60 21.37 -4.32
C ALA D 31 11.17 22.66 -4.90
N GLY D 32 10.44 23.26 -5.85
CA GLY D 32 10.75 24.59 -6.35
C GLY D 32 11.11 24.60 -7.82
N TRP D 33 11.55 25.76 -8.27
CA TRP D 33 11.72 26.07 -9.71
C TRP D 33 13.07 26.74 -9.93
N ALA D 34 13.81 26.27 -10.92
CA ALA D 34 15.14 26.80 -11.23
C ALA D 34 15.42 26.67 -12.71
N SER D 35 16.42 27.41 -13.19
CA SER D 35 16.85 27.44 -14.60
C SER D 35 18.36 27.39 -14.70
N TYR D 36 18.82 26.71 -15.73
CA TYR D 36 20.24 26.59 -16.10
C TYR D 36 20.59 27.70 -17.10
N GLY D 37 19.67 28.62 -17.38
CA GLY D 37 19.94 29.70 -18.36
C GLY D 37 18.68 30.30 -18.99
N PRO D 38 17.80 29.48 -19.58
CA PRO D 38 16.54 30.00 -20.16
C PRO D 38 15.65 30.73 -19.16
N THR D 39 14.69 31.52 -19.66
CA THR D 39 13.74 32.24 -18.79
C THR D 39 12.76 31.23 -18.18
N GLN D 40 12.48 30.15 -18.89
CA GLN D 40 11.65 29.00 -18.40
C GLN D 40 12.32 28.43 -17.15
N LYS D 41 11.53 27.88 -16.23
CA LYS D 41 12.09 27.15 -15.06
C LYS D 41 11.59 25.71 -15.08
N TRP D 42 12.37 24.84 -14.44
CA TRP D 42 12.07 23.38 -14.31
C TRP D 42 12.12 23.00 -12.83
N GLY D 43 11.46 21.90 -12.52
CA GLY D 43 11.46 21.36 -11.16
C GLY D 43 12.75 20.59 -10.90
N PRO D 44 12.81 19.90 -9.76
CA PRO D 44 14.02 19.20 -9.33
C PRO D 44 14.42 17.97 -10.15
N GLN D 45 13.56 17.49 -11.08
CA GLN D 45 14.02 16.49 -12.07
C GLN D 45 14.70 17.14 -13.29
N GLY D 46 14.66 18.47 -13.36
CA GLY D 46 15.29 19.22 -14.47
C GLY D 46 14.51 19.12 -15.79
N ASP D 47 15.23 19.29 -16.89
CA ASP D 47 14.67 19.48 -18.24
C ASP D 47 14.96 18.20 -19.03
N ARG D 48 13.95 17.39 -19.30
CA ARG D 48 14.22 16.05 -19.91
C ARG D 48 14.54 16.20 -21.42
N GLU D 49 14.42 17.41 -21.98
CA GLU D 49 14.67 17.61 -23.43
C GLU D 49 16.10 18.14 -23.69
N HIS D 50 16.82 18.59 -22.66
CA HIS D 50 18.14 19.23 -22.83
C HIS D 50 19.25 18.19 -22.90
N PRO D 51 20.12 18.25 -23.92
CA PRO D 51 21.21 17.29 -24.03
C PRO D 51 22.20 17.53 -22.87
N ASP D 52 22.93 16.47 -22.53
CA ASP D 52 24.07 16.49 -21.59
C ASP D 52 25.31 16.97 -22.33
N GLN D 53 25.81 18.16 -22.01
CA GLN D 53 27.04 18.72 -22.67
C GLN D 53 28.20 18.76 -21.66
N GLY D 54 28.23 17.83 -20.69
CA GLY D 54 29.26 17.80 -19.63
C GLY D 54 28.71 18.11 -18.25
N LEU D 55 27.51 17.61 -17.93
CA LEU D 55 26.88 17.84 -16.61
C LEU D 55 27.72 17.19 -15.51
N ILE D 56 27.66 17.71 -14.28
CA ILE D 56 28.37 17.10 -13.13
C ILE D 56 27.75 15.72 -12.82
N CYS D 57 26.49 15.47 -13.21
CA CYS D 57 25.83 14.16 -12.99
C CYS D 57 25.23 13.65 -14.29
N HIS D 58 25.78 12.57 -14.86
CA HIS D 58 25.31 12.05 -16.18
C HIS D 58 24.07 11.17 -15.99
N ASP D 59 23.65 10.91 -14.75
CA ASP D 59 22.47 10.05 -14.48
C ASP D 59 21.24 10.90 -14.15
N ALA D 60 21.31 12.21 -14.31
CA ALA D 60 20.18 13.13 -14.07
C ALA D 60 20.17 14.17 -15.19
N PHE D 61 19.01 14.77 -15.43
CA PHE D 61 18.85 15.76 -16.51
C PHE D 61 19.53 17.05 -16.07
N CYS D 62 19.90 17.89 -17.04
CA CYS D 62 20.27 19.30 -16.79
C CYS D 62 19.20 19.98 -15.93
N GLY D 63 19.62 20.61 -14.84
CA GLY D 63 18.72 21.35 -13.93
C GLY D 63 18.08 20.46 -12.87
N ALA D 64 18.53 19.20 -12.75
CA ALA D 64 18.08 18.30 -11.65
C ALA D 64 18.84 18.60 -10.35
N LEU D 65 18.26 18.23 -9.22
CA LEU D 65 18.99 18.25 -7.94
C LEU D 65 19.84 16.98 -7.83
N VAL D 66 21.09 17.14 -7.45
CA VAL D 66 21.97 15.97 -7.23
C VAL D 66 22.71 16.20 -5.93
N MET D 67 23.44 15.19 -5.49
CA MET D 67 24.22 15.34 -4.24
C MET D 67 25.56 14.60 -4.33
N LYS D 68 26.44 14.96 -3.42
CA LYS D 68 27.64 14.15 -3.10
C LYS D 68 27.57 13.82 -1.61
N ILE D 69 28.04 12.63 -1.26
CA ILE D 69 28.19 12.20 0.14
C ILE D 69 29.68 12.00 0.37
N GLY D 70 30.26 12.83 1.25
CA GLY D 70 31.72 12.92 1.42
C GLY D 70 32.37 13.16 0.07
N ASN D 71 33.33 12.32 -0.30
CA ASN D 71 34.17 12.42 -1.51
C ASN D 71 33.54 11.56 -2.63
N SER D 72 32.24 11.23 -2.57
CA SER D 72 31.58 10.39 -3.58
C SER D 72 31.49 11.13 -4.91
N GLY D 73 31.16 10.40 -5.96
CA GLY D 73 30.67 10.96 -7.22
C GLY D 73 29.28 11.55 -7.03
N THR D 74 28.74 12.22 -8.03
CA THR D 74 27.38 12.79 -7.91
C THR D 74 26.35 11.64 -7.91
N ILE D 75 25.28 11.84 -7.15
CA ILE D 75 24.17 10.88 -6.99
C ILE D 75 22.90 11.65 -7.28
N PRO D 76 22.03 11.19 -8.18
CA PRO D 76 20.80 11.95 -8.45
C PRO D 76 19.90 11.96 -7.23
N VAL D 77 19.29 13.12 -6.96
CA VAL D 77 18.28 13.29 -5.89
C VAL D 77 16.92 13.51 -6.56
N ASN D 78 16.88 14.34 -7.59
CA ASN D 78 15.60 14.66 -8.27
C ASN D 78 14.60 15.21 -7.24
N THR D 79 13.37 14.69 -7.23
CA THR D 79 12.34 15.18 -6.32
C THR D 79 12.63 14.69 -4.89
N GLY D 80 13.48 13.68 -4.75
CA GLY D 80 13.88 13.17 -3.41
C GLY D 80 14.07 11.67 -3.38
N LEU D 81 14.32 11.16 -2.18
CA LEU D 81 14.71 9.77 -1.91
C LEU D 81 13.91 9.32 -0.71
N PHE D 82 13.35 8.12 -0.77
CA PHE D 82 12.50 7.64 0.33
C PHE D 82 13.17 6.47 1.04
N ARG D 83 13.57 6.68 2.29
CA ARG D 83 14.17 5.62 3.15
C ARG D 83 15.28 4.91 2.37
N TRP D 84 16.25 5.71 1.97
CA TRP D 84 17.30 5.33 0.99
C TRP D 84 18.60 5.00 1.73
N VAL D 85 19.28 3.98 1.23
CA VAL D 85 20.58 3.51 1.78
C VAL D 85 21.65 3.77 0.72
N ALA D 86 22.75 4.34 1.16
CA ALA D 86 23.90 4.67 0.30
C ALA D 86 24.66 3.41 -0.08
N PRO D 87 25.38 3.44 -1.22
CA PRO D 87 26.33 2.39 -1.55
C PRO D 87 27.30 2.16 -0.40
N ASN D 88 27.88 0.96 -0.33
CA ASN D 88 28.83 0.59 0.76
C ASN D 88 30.04 1.52 0.59
N ASN D 89 30.68 1.99 1.64
CA ASN D 89 31.86 2.92 1.46
C ASN D 89 31.47 4.19 0.66
N VAL D 90 30.24 4.64 0.80
CA VAL D 90 29.86 6.07 0.62
C VAL D 90 29.53 6.60 2.01
N GLN D 91 30.19 7.67 2.48
CA GLN D 91 29.97 8.23 3.84
C GLN D 91 30.44 9.69 3.86
N GLY D 92 29.90 10.49 4.78
CA GLY D 92 30.36 11.86 5.03
C GLY D 92 29.25 12.88 4.83
N ALA D 93 29.63 14.15 4.79
CA ALA D 93 28.68 15.28 4.74
C ALA D 93 27.94 15.23 3.39
N ILE D 94 26.65 15.46 3.43
CA ILE D 94 25.86 15.60 2.18
C ILE D 94 25.98 17.03 1.66
N THR D 95 26.43 17.17 0.42
CA THR D 95 26.42 18.43 -0.35
C THR D 95 25.33 18.32 -1.42
N LEU D 96 24.44 19.31 -1.50
CA LEU D 96 23.41 19.39 -2.55
C LEU D 96 23.90 20.32 -3.65
N ILE D 97 23.68 19.93 -4.89
CA ILE D 97 24.18 20.71 -6.06
C ILE D 97 23.15 20.67 -7.17
N TYR D 98 22.96 21.80 -7.82
CA TYR D 98 22.23 21.91 -9.09
C TYR D 98 23.06 21.27 -10.21
N ASN D 99 22.43 20.45 -11.04
CA ASN D 99 23.10 19.72 -12.15
C ASN D 99 23.27 20.67 -13.35
N ASP D 100 24.47 21.16 -13.60
CA ASP D 100 24.76 21.98 -14.83
C ASP D 100 26.20 21.70 -15.27
N VAL D 101 26.63 22.32 -16.36
CA VAL D 101 28.00 22.16 -16.92
C VAL D 101 28.92 23.06 -16.13
N PRO D 102 30.02 22.54 -15.56
CA PRO D 102 30.92 23.38 -14.75
C PRO D 102 31.38 24.62 -15.54
N GLY D 103 31.44 25.76 -14.85
CA GLY D 103 31.73 27.08 -15.42
C GLY D 103 30.54 27.73 -16.13
N THR D 104 29.34 27.12 -16.14
CA THR D 104 28.14 27.70 -16.82
C THR D 104 27.03 28.01 -15.80
N TYR D 105 27.36 28.10 -14.51
CA TYR D 105 26.38 28.32 -13.41
C TYR D 105 25.99 29.81 -13.32
N GLY D 106 26.83 30.72 -13.83
CA GLY D 106 26.67 32.17 -13.66
C GLY D 106 25.31 32.67 -14.11
N ASN D 107 24.75 32.09 -15.17
CA ASN D 107 23.48 32.54 -15.80
C ASN D 107 22.26 31.80 -15.20
N ASN D 108 22.46 31.01 -14.15
CA ASN D 108 21.36 30.16 -13.60
C ASN D 108 20.52 31.04 -12.69
N SER D 109 19.29 30.61 -12.40
CA SER D 109 18.39 31.39 -11.52
C SER D 109 17.47 30.45 -10.74
N GLY D 110 16.93 30.98 -9.64
CA GLY D 110 16.01 30.22 -8.78
C GLY D 110 16.77 29.17 -7.97
N SER D 111 16.01 28.29 -7.33
CA SER D 111 16.53 27.45 -6.23
C SER D 111 15.51 26.37 -5.87
N PHE D 112 16.00 25.36 -5.18
CA PHE D 112 15.14 24.30 -4.62
C PHE D 112 15.15 24.41 -3.10
N SER D 113 13.97 24.26 -2.48
N SER D 113 13.97 24.24 -2.50
CA SER D 113 13.77 24.05 -1.03
CA SER D 113 13.73 24.01 -1.07
C SER D 113 13.88 22.56 -0.74
C SER D 113 13.94 22.53 -0.80
N VAL D 114 14.78 22.18 0.17
CA VAL D 114 15.13 20.76 0.40
C VAL D 114 15.04 20.44 1.89
N ASN D 115 14.41 19.31 2.18
CA ASN D 115 14.40 18.72 3.52
C ASN D 115 15.17 17.41 3.48
N ILE D 116 16.01 17.14 4.48
CA ILE D 116 16.72 15.84 4.63
C ILE D 116 16.53 15.41 6.07
N GLY D 117 16.08 14.18 6.28
CA GLY D 117 16.05 13.58 7.62
C GLY D 117 16.66 12.21 7.65
N LYS D 118 17.16 11.80 8.81
CA LYS D 118 17.50 10.39 9.06
C LYS D 118 16.26 9.65 9.53
N ASP D 119 16.07 8.48 8.96
CA ASP D 119 14.97 7.58 9.31
C ASP D 119 15.43 6.60 10.39
N GLN D 120 14.47 5.91 10.99
CA GLN D 120 14.74 4.87 12.01
C GLN D 120 15.56 3.80 11.33
N SER D 121 16.47 3.22 12.09
CA SER D 121 17.29 2.09 11.62
C SER D 121 17.74 1.29 12.83
#